data_3EO9
#
_entry.id   3EO9
#
_cell.length_a   87.198
_cell.length_b   87.198
_cell.length_c   117.223
_cell.angle_alpha   90.00
_cell.angle_beta   90.00
_cell.angle_gamma   120.00
#
_symmetry.space_group_name_H-M   'P 31 2 1'
#
loop_
_entity.id
_entity.type
_entity.pdbx_description
1 polymer 'Efalizumab Fab fragment, light chain'
2 polymer 'Efalizumab Fab fragment, heavy chain'
3 water water
#
loop_
_entity_poly.entity_id
_entity_poly.type
_entity_poly.pdbx_seq_one_letter_code
_entity_poly.pdbx_strand_id
1 'polypeptide(L)'
;DIQMTQSPSSLSASVGDRVTITCRASKTISKYLAWYQQKPGKAPKLLIYSGSTLQSGVPSRFSGSGSGTDFTLTISSLQP
EDFATYYCQQHNEYPLTFGQGTKVEIKRTVAAPSVFIFPPSDEQLKSGTASVVCLLNNFYPREAKVQWKVDNALQSGNSQ
ESVTEQDSKDSTYSLSSTLTLSKADYEKHKVYACEVTHQGLSSPVTKSFNRGEC
;
L
2 'polypeptide(L)'
;EVQLVESGGGLVQPGGSLRLSCAASGYSFTGHWMNWVRQAPGKGLEWVGMIHPSDSETRYNQKFKDRFTISVDKSKNTLY
LQMNSLRAEDTAVYYCARGIYFYGTTYFDYWGQGTLVTVSSASTKGPSVFPLAPSSKSTSGGTAALGCLVKDYFPEPVTV
SWNSGALTSGVHTFPAVLQSSGLYSLSSVVTVPSSSLGTQTYICNVNHKPSNTKVDKKV
;
H
#
# COMPACT_ATOMS: atom_id res chain seq x y z
N ASP A 1 -5.96 -17.18 20.65
CA ASP A 1 -4.82 -16.45 20.10
C ASP A 1 -4.56 -15.17 20.89
N ILE A 2 -3.33 -14.69 20.83
CA ILE A 2 -2.99 -13.37 21.36
C ILE A 2 -3.26 -12.29 20.33
N GLN A 3 -4.02 -11.28 20.73
CA GLN A 3 -4.21 -10.08 19.93
C GLN A 3 -3.24 -8.98 20.35
N MET A 4 -2.45 -8.49 19.40
CA MET A 4 -1.49 -7.43 19.66
C MET A 4 -2.03 -6.07 19.23
N THR A 5 -2.12 -5.15 20.19
CA THR A 5 -2.61 -3.80 19.91
C THR A 5 -1.46 -2.80 19.87
N GLN A 6 -1.22 -2.23 18.70
CA GLN A 6 -0.10 -1.31 18.51
C GLN A 6 -0.58 0.14 18.45
N SER A 7 0.12 1.04 19.13
CA SER A 7 -0.15 2.47 19.03
C SER A 7 1.14 3.30 18.99
N PRO A 8 1.10 4.46 18.29
CA PRO A 8 -0.03 4.98 17.51
C PRO A 8 -0.07 4.28 16.17
N SER A 9 -1.16 4.42 15.42
CA SER A 9 -1.21 3.89 14.06
C SER A 9 -0.26 4.63 13.14
N SER A 10 -0.14 5.94 13.39
CA SER A 10 0.67 6.84 12.59
C SER A 10 1.29 7.91 13.48
N LEU A 11 2.49 8.35 13.11
CA LEU A 11 3.18 9.41 13.83
C LEU A 11 4.02 10.21 12.85
N SER A 12 3.87 11.53 12.92
CA SER A 12 4.72 12.44 12.15
C SER A 12 5.72 13.06 13.09
N ALA A 13 7.00 12.79 12.84
CA ALA A 13 8.06 13.28 13.70
C ALA A 13 9.19 13.89 12.88
N SER A 14 10.09 14.55 13.59
CA SER A 14 11.23 15.21 13.00
C SER A 14 12.51 14.46 13.34
N VAL A 15 13.49 14.53 12.45
CA VAL A 15 14.84 14.03 12.73
C VAL A 15 15.28 14.58 14.10
N GLY A 16 15.80 13.69 14.96
CA GLY A 16 16.24 14.09 16.29
C GLY A 16 15.25 13.85 17.43
N ASP A 17 13.99 13.60 17.08
CA ASP A 17 12.96 13.31 18.08
C ASP A 17 13.21 11.97 18.76
N ARG A 18 12.79 11.88 20.03
CA ARG A 18 12.61 10.60 20.69
C ARG A 18 11.25 10.05 20.27
N VAL A 19 11.26 8.84 19.71
CA VAL A 19 10.03 8.19 19.28
C VAL A 19 9.71 6.98 20.16
N THR A 20 8.47 6.91 20.63
CA THR A 20 7.98 5.83 21.49
C THR A 20 6.80 5.13 20.81
N ILE A 21 6.97 3.83 20.54
CA ILE A 21 5.94 3.01 19.92
C ILE A 21 5.56 1.91 20.90
N THR A 22 4.26 1.73 21.12
CA THR A 22 3.79 0.77 22.11
C THR A 22 3.04 -0.41 21.50
N CYS A 23 3.16 -1.56 22.15
CA CYS A 23 2.42 -2.75 21.83
C CYS A 23 1.87 -3.40 23.09
N ARG A 24 0.57 -3.67 23.05
CA ARG A 24 -0.11 -4.29 24.16
C ARG A 24 -0.61 -5.66 23.71
N ALA A 25 -0.37 -6.68 24.54
CA ALA A 25 -0.85 -8.02 24.29
C ALA A 25 -2.16 -8.27 25.02
N SER A 26 -3.05 -9.04 24.39
CA SER A 26 -4.38 -9.35 24.96
C SER A 26 -4.30 -10.17 26.24
N LYS A 27 -3.29 -11.04 26.32
CA LYS A 27 -2.91 -11.73 27.55
C LYS A 27 -1.39 -11.73 27.61
N THR A 28 -0.82 -12.13 28.76
CA THR A 28 0.63 -12.09 28.93
C THR A 28 1.36 -12.87 27.83
N ILE A 29 2.49 -12.29 27.38
CA ILE A 29 3.39 -12.96 26.45
C ILE A 29 4.79 -13.07 27.10
N SER A 30 4.83 -13.01 28.44
CA SER A 30 6.09 -13.04 29.19
C SER A 30 7.03 -11.93 28.68
N LYS A 31 8.27 -12.26 28.36
CA LYS A 31 9.20 -11.26 27.85
C LYS A 31 9.33 -11.30 26.31
N TYR A 32 8.59 -12.19 25.67
CA TYR A 32 8.85 -12.52 24.26
C TYR A 32 8.07 -11.71 23.25
N LEU A 33 8.63 -10.54 22.93
CA LEU A 33 8.11 -9.68 21.88
C LEU A 33 9.23 -9.24 20.94
N ALA A 34 8.97 -9.36 19.64
CA ALA A 34 9.92 -8.95 18.61
C ALA A 34 9.44 -7.69 17.89
N TRP A 35 10.38 -6.93 17.36
CA TRP A 35 10.07 -5.72 16.61
C TRP A 35 10.75 -5.77 15.24
N TYR A 36 10.01 -5.34 14.22
CA TYR A 36 10.50 -5.29 12.84
C TYR A 36 10.31 -3.89 12.25
N GLN A 37 11.21 -3.54 11.33
CA GLN A 37 11.12 -2.32 10.55
C GLN A 37 10.85 -2.73 9.10
N GLN A 38 9.93 -2.03 8.45
CA GLN A 38 9.64 -2.28 7.04
C GLN A 38 9.54 -0.99 6.22
N LYS A 39 10.24 -0.98 5.11
CA LYS A 39 10.22 0.12 4.15
C LYS A 39 9.43 -0.30 2.92
N PRO A 40 8.78 0.66 2.22
CA PRO A 40 7.84 0.32 1.15
C PRO A 40 8.46 -0.59 0.09
N GLY A 41 7.73 -1.65 -0.25
CA GLY A 41 8.17 -2.61 -1.26
C GLY A 41 9.25 -3.56 -0.81
N LYS A 42 9.65 -3.47 0.46
CA LYS A 42 10.69 -4.33 1.01
C LYS A 42 10.14 -5.27 2.06
N ALA A 43 10.87 -6.34 2.34
CA ALA A 43 10.54 -7.23 3.45
C ALA A 43 10.85 -6.59 4.79
N PRO A 44 10.19 -7.07 5.84
CA PRO A 44 10.49 -6.64 7.21
C PRO A 44 11.91 -7.00 7.61
N LYS A 45 12.56 -6.12 8.37
CA LYS A 45 13.84 -6.43 8.99
C LYS A 45 13.71 -6.53 10.50
N LEU A 46 14.33 -7.56 11.08
CA LEU A 46 14.31 -7.76 12.52
C LEU A 46 15.17 -6.72 13.23
N LEU A 47 14.62 -6.09 14.25
CA LEU A 47 15.37 -5.16 15.09
C LEU A 47 15.65 -5.77 16.47
N ILE A 48 14.59 -6.21 17.14
CA ILE A 48 14.68 -6.59 18.55
C ILE A 48 13.86 -7.86 18.77
N TYR A 49 14.35 -8.73 19.66
CA TYR A 49 13.56 -9.89 20.10
C TYR A 49 13.63 -10.02 21.62
N SER A 50 12.76 -10.87 22.18
CA SER A 50 12.65 -11.05 23.63
C SER A 50 12.52 -9.71 24.37
N GLY A 51 11.77 -8.80 23.77
CA GLY A 51 11.45 -7.50 24.39
C GLY A 51 12.52 -6.44 24.28
N SER A 52 13.78 -6.82 24.50
CA SER A 52 14.87 -5.84 24.67
C SER A 52 16.20 -6.21 24.01
N THR A 53 16.31 -7.39 23.41
CA THR A 53 17.58 -7.82 22.82
C THR A 53 17.72 -7.37 21.37
N LEU A 54 18.71 -6.51 21.10
CA LEU A 54 19.01 -6.08 19.73
C LEU A 54 19.65 -7.19 18.90
N GLN A 55 19.16 -7.38 17.69
CA GLN A 55 19.82 -8.23 16.70
C GLN A 55 21.18 -7.59 16.35
N SER A 56 22.23 -8.40 16.24
CA SER A 56 23.55 -7.86 15.87
C SER A 56 23.44 -7.02 14.61
N GLY A 57 24.02 -5.83 14.65
CA GLY A 57 24.02 -4.91 13.51
C GLY A 57 23.01 -3.78 13.64
N VAL A 58 22.01 -3.95 14.51
CA VAL A 58 20.99 -2.92 14.72
C VAL A 58 21.58 -1.77 15.53
N PRO A 59 21.44 -0.53 15.02
CA PRO A 59 22.00 0.64 15.70
C PRO A 59 21.50 0.80 17.12
N SER A 60 22.36 1.34 17.99
CA SER A 60 22.08 1.47 19.42
C SER A 60 20.96 2.47 19.77
N ARG A 61 20.57 3.32 18.82
CA ARG A 61 19.45 4.23 19.06
C ARG A 61 18.10 3.50 19.19
N PHE A 62 18.03 2.26 18.68
CA PHE A 62 16.84 1.42 18.88
C PHE A 62 16.98 0.67 20.21
N SER A 63 15.90 0.70 21.00
CA SER A 63 15.82 -0.04 22.24
C SER A 63 14.39 -0.53 22.50
N GLY A 64 14.27 -1.56 23.33
CA GLY A 64 12.97 -2.13 23.66
C GLY A 64 12.86 -2.39 25.14
N SER A 65 11.65 -2.26 25.67
CA SER A 65 11.39 -2.57 27.07
C SER A 65 9.98 -3.12 27.26
N GLY A 66 9.73 -3.67 28.43
CA GLY A 66 8.42 -4.16 28.80
C GLY A 66 8.41 -5.64 29.11
N SER A 67 7.28 -6.10 29.63
CA SER A 67 7.07 -7.49 29.99
C SER A 67 5.57 -7.69 30.16
N GLY A 68 5.14 -8.95 30.20
CA GLY A 68 3.74 -9.28 30.45
C GLY A 68 2.83 -8.91 29.28
N THR A 69 2.12 -7.79 29.42
CA THR A 69 1.21 -7.33 28.38
C THR A 69 1.60 -5.99 27.77
N ASP A 70 2.59 -5.31 28.35
CA ASP A 70 2.88 -3.95 27.91
C ASP A 70 4.35 -3.68 27.52
N PHE A 71 4.55 -3.29 26.27
CA PHE A 71 5.88 -3.19 25.68
C PHE A 71 6.06 -1.91 24.88
N THR A 72 7.31 -1.48 24.75
CA THR A 72 7.68 -0.25 24.07
C THR A 72 8.92 -0.45 23.21
N LEU A 73 8.87 0.11 22.00
CA LEU A 73 10.05 0.32 21.15
C LEU A 73 10.40 1.81 21.20
N THR A 74 11.66 2.12 21.47
CA THR A 74 12.12 3.50 21.52
C THR A 74 13.20 3.74 20.47
N ILE A 75 13.03 4.80 19.70
CA ILE A 75 14.12 5.37 18.92
C ILE A 75 14.57 6.65 19.63
N SER A 76 15.76 6.61 20.22
CA SER A 76 16.24 7.68 21.11
C SER A 76 16.39 9.02 20.40
N SER A 77 16.88 8.99 19.16
CA SER A 77 16.94 10.18 18.33
C SER A 77 16.75 9.83 16.85
N LEU A 78 15.63 10.24 16.29
CA LEU A 78 15.22 9.78 14.97
C LEU A 78 16.21 10.22 13.89
N GLN A 79 16.56 9.29 13.01
CA GLN A 79 17.37 9.61 11.84
C GLN A 79 16.58 9.46 10.55
N PRO A 80 17.07 10.05 9.48
CA PRO A 80 16.34 10.09 8.22
C PRO A 80 16.00 8.70 7.70
N GLU A 81 16.88 7.74 7.97
CA GLU A 81 16.71 6.38 7.45
C GLU A 81 15.70 5.60 8.27
N ASP A 82 15.13 6.25 9.28
CA ASP A 82 14.30 5.56 10.26
C ASP A 82 12.82 5.72 9.93
N PHE A 83 12.51 6.62 8.99
CA PHE A 83 11.14 6.82 8.55
C PHE A 83 10.64 5.62 7.75
N ALA A 84 9.58 4.99 8.24
CA ALA A 84 9.31 3.59 7.95
C ALA A 84 8.14 3.06 8.78
N THR A 85 7.78 1.80 8.55
CA THR A 85 6.72 1.16 9.32
C THR A 85 7.28 0.12 10.27
N TYR A 86 6.82 0.16 11.52
CA TYR A 86 7.33 -0.75 12.55
C TYR A 86 6.21 -1.67 13.03
N TYR A 87 6.55 -2.95 13.23
CA TYR A 87 5.58 -3.95 13.67
C TYR A 87 6.12 -4.70 14.88
N CYS A 88 5.27 -4.96 15.86
CA CYS A 88 5.62 -5.89 16.93
C CYS A 88 5.06 -7.28 16.60
N GLN A 89 5.63 -8.31 17.23
CA GLN A 89 5.18 -9.68 17.06
C GLN A 89 5.48 -10.47 18.32
N GLN A 90 4.45 -11.08 18.92
CA GLN A 90 4.67 -11.92 20.10
C GLN A 90 5.28 -13.26 19.71
N HIS A 91 6.24 -13.72 20.50
CA HIS A 91 6.84 -15.03 20.32
C HIS A 91 6.88 -15.82 21.62
N ASN A 92 5.76 -15.80 22.34
CA ASN A 92 5.58 -16.59 23.54
C ASN A 92 4.75 -17.86 23.31
N GLU A 93 3.91 -17.84 22.28
CA GLU A 93 3.04 -18.97 21.98
C GLU A 93 2.75 -19.06 20.49
N TYR A 94 2.15 -20.17 20.08
CA TYR A 94 1.57 -20.33 18.74
C TYR A 94 0.03 -20.19 18.83
N PRO A 95 -0.60 -19.58 17.80
CA PRO A 95 0.04 -19.08 16.60
C PRO A 95 0.80 -17.78 16.88
N LEU A 96 1.78 -17.50 16.03
CA LEU A 96 2.51 -16.25 16.06
C LEU A 96 1.59 -15.15 15.55
N THR A 97 1.57 -14.02 16.25
CA THR A 97 0.68 -12.91 15.91
C THR A 97 1.39 -11.55 15.99
N PHE A 98 0.94 -10.63 15.12
CA PHE A 98 1.58 -9.33 14.88
C PHE A 98 0.67 -8.18 15.29
N GLY A 99 1.28 -7.07 15.70
CA GLY A 99 0.60 -5.78 15.71
C GLY A 99 0.30 -5.27 14.32
N GLN A 100 -0.54 -4.24 14.24
CA GLN A 100 -1.07 -3.79 12.95
C GLN A 100 -0.23 -2.67 12.37
N GLY A 101 0.70 -2.15 13.17
CA GLY A 101 1.82 -1.41 12.65
C GLY A 101 1.81 0.05 13.08
N THR A 102 2.97 0.69 13.02
CA THR A 102 3.07 2.12 13.28
C THR A 102 3.87 2.72 12.13
N LYS A 103 3.24 3.62 11.37
CA LYS A 103 3.89 4.29 10.25
C LYS A 103 4.48 5.62 10.73
N VAL A 104 5.80 5.75 10.60
CA VAL A 104 6.54 6.93 11.05
C VAL A 104 6.93 7.77 9.83
N GLU A 105 6.31 8.95 9.75
CA GLU A 105 6.48 9.86 8.62
C GLU A 105 7.08 11.20 9.07
N ILE A 106 7.37 12.08 8.12
CA ILE A 106 8.11 13.32 8.39
C ILE A 106 7.15 14.45 8.76
N LYS A 107 7.37 15.05 9.93
CA LYS A 107 6.59 16.22 10.35
C LYS A 107 6.98 17.44 9.53
N ARG A 108 5.97 18.22 9.15
CA ARG A 108 6.19 19.53 8.53
C ARG A 108 5.04 20.45 8.94
N THR A 109 5.04 21.67 8.42
CA THR A 109 4.00 22.65 8.75
C THR A 109 2.69 22.34 8.03
N VAL A 110 1.59 22.74 8.65
CA VAL A 110 0.26 22.65 8.04
C VAL A 110 0.28 23.37 6.68
N ALA A 111 -0.29 22.70 5.68
CA ALA A 111 -0.42 23.26 4.35
C ALA A 111 -1.79 22.90 3.79
N ALA A 112 -2.59 23.92 3.47
CA ALA A 112 -3.89 23.70 2.84
C ALA A 112 -3.75 23.16 1.41
N PRO A 113 -4.67 22.27 1.00
CA PRO A 113 -4.63 21.79 -0.39
C PRO A 113 -5.05 22.89 -1.37
N SER A 114 -4.47 22.86 -2.57
CA SER A 114 -5.03 23.58 -3.71
C SER A 114 -6.00 22.61 -4.36
N VAL A 115 -7.22 23.07 -4.62
CA VAL A 115 -8.28 22.17 -5.06
C VAL A 115 -8.66 22.44 -6.51
N PHE A 116 -8.85 21.38 -7.29
CA PHE A 116 -9.21 21.48 -8.71
C PHE A 116 -10.27 20.44 -9.04
N ILE A 117 -11.24 20.81 -9.87
CA ILE A 117 -12.28 19.88 -10.31
C ILE A 117 -12.21 19.72 -11.83
N PHE A 118 -12.40 18.49 -12.29
CA PHE A 118 -12.35 18.17 -13.71
C PHE A 118 -13.62 17.46 -14.15
N PRO A 119 -14.28 17.98 -15.20
CA PRO A 119 -15.46 17.33 -15.77
C PRO A 119 -15.06 16.08 -16.54
N PRO A 120 -16.03 15.18 -16.79
CA PRO A 120 -15.75 14.07 -17.69
C PRO A 120 -15.48 14.60 -19.09
N SER A 121 -14.66 13.87 -19.85
CA SER A 121 -14.38 14.22 -21.23
C SER A 121 -15.58 13.82 -22.08
N ASP A 122 -15.78 14.53 -23.19
CA ASP A 122 -16.81 14.16 -24.16
C ASP A 122 -16.58 12.74 -24.69
N GLU A 123 -15.32 12.38 -24.92
CA GLU A 123 -14.97 11.04 -25.37
C GLU A 123 -15.47 9.95 -24.40
N GLN A 124 -15.23 10.13 -23.11
CA GLN A 124 -15.71 9.16 -22.12
C GLN A 124 -17.23 9.03 -22.12
N LEU A 125 -17.93 10.17 -22.23
CA LEU A 125 -19.40 10.17 -22.23
C LEU A 125 -19.98 9.23 -23.29
N LYS A 126 -19.28 9.10 -24.41
CA LYS A 126 -19.65 8.18 -25.49
C LYS A 126 -19.64 6.70 -25.09
N SER A 127 -18.90 6.38 -24.03
CA SER A 127 -18.83 5.01 -23.52
C SER A 127 -19.99 4.68 -22.58
N GLY A 128 -20.72 5.72 -22.14
CA GLY A 128 -21.88 5.55 -21.27
C GLY A 128 -21.62 5.75 -19.79
N THR A 129 -20.40 6.19 -19.46
CA THR A 129 -20.00 6.47 -18.09
C THR A 129 -19.38 7.87 -17.97
N ALA A 130 -19.60 8.51 -16.83
CA ALA A 130 -18.99 9.79 -16.50
C ALA A 130 -18.14 9.66 -15.25
N SER A 131 -16.86 10.01 -15.37
CA SER A 131 -15.98 10.15 -14.22
C SER A 131 -15.68 11.63 -13.98
N VAL A 132 -15.96 12.09 -12.76
CA VAL A 132 -15.70 13.48 -12.35
C VAL A 132 -14.55 13.43 -11.34
N VAL A 133 -13.50 14.22 -11.56
CA VAL A 133 -12.33 14.11 -10.69
C VAL A 133 -12.07 15.37 -9.88
N CYS A 134 -11.73 15.17 -8.62
CA CYS A 134 -11.34 16.27 -7.75
C CYS A 134 -9.95 16.03 -7.19
N LEU A 135 -9.08 17.01 -7.39
CA LEU A 135 -7.69 16.95 -6.96
C LEU A 135 -7.44 17.85 -5.75
N LEU A 136 -6.83 17.28 -4.71
CA LEU A 136 -6.37 18.05 -3.56
C LEU A 136 -4.85 17.98 -3.61
N ASN A 137 -4.21 19.11 -3.90
CA ASN A 137 -2.78 19.11 -4.19
C ASN A 137 -1.88 19.69 -3.10
N ASN A 138 -0.82 18.95 -2.78
CA ASN A 138 0.28 19.42 -1.91
C ASN A 138 -0.17 19.92 -0.55
N PHE A 139 -0.82 19.06 0.22
CA PHE A 139 -1.35 19.44 1.53
C PHE A 139 -0.73 18.64 2.68
N TYR A 140 -0.91 19.14 3.89
CA TYR A 140 -0.43 18.49 5.11
C TYR A 140 -1.20 19.03 6.33
N PRO A 141 -1.65 18.13 7.24
CA PRO A 141 -1.42 16.66 7.27
C PRO A 141 -2.29 15.89 6.27
N ARG A 142 -2.10 14.58 6.25
CA ARG A 142 -2.76 13.68 5.29
C ARG A 142 -4.28 13.67 5.41
N GLU A 143 -4.79 13.88 6.64
CA GLU A 143 -6.22 13.83 6.92
C GLU A 143 -6.95 14.95 6.20
N ALA A 144 -7.92 14.58 5.36
CA ALA A 144 -8.77 15.54 4.69
C ALA A 144 -10.09 14.90 4.23
N LYS A 145 -11.11 15.73 4.06
CA LYS A 145 -12.46 15.24 3.80
C LYS A 145 -13.00 15.77 2.49
N VAL A 146 -13.24 14.87 1.54
CA VAL A 146 -13.89 15.24 0.28
C VAL A 146 -15.36 14.86 0.30
N GLN A 147 -16.23 15.86 0.12
CA GLN A 147 -17.65 15.61 -0.10
C GLN A 147 -18.07 16.02 -1.50
N TRP A 148 -18.58 15.06 -2.27
CA TRP A 148 -19.16 15.34 -3.57
C TRP A 148 -20.60 15.84 -3.44
N LYS A 149 -20.93 16.88 -4.20
CA LYS A 149 -22.32 17.33 -4.31
C LYS A 149 -22.75 17.39 -5.77
N VAL A 150 -23.92 16.82 -6.05
CA VAL A 150 -24.55 16.96 -7.36
C VAL A 150 -25.86 17.74 -7.26
N ASP A 151 -25.89 18.91 -7.89
CA ASP A 151 -26.97 19.88 -7.65
C ASP A 151 -27.29 20.04 -6.15
N ASN A 152 -26.23 20.15 -5.34
CA ASN A 152 -26.34 20.32 -3.87
C ASN A 152 -26.85 19.10 -3.08
N ALA A 153 -27.02 17.97 -3.75
CA ALA A 153 -27.31 16.72 -3.04
C ALA A 153 -26.00 16.03 -2.69
N LEU A 154 -25.81 15.76 -1.40
CA LEU A 154 -24.63 15.06 -0.90
C LEU A 154 -24.54 13.64 -1.46
N GLN A 155 -23.41 13.30 -2.08
CA GLN A 155 -23.20 11.98 -2.66
C GLN A 155 -22.62 11.00 -1.65
N SER A 156 -22.97 9.73 -1.80
CA SER A 156 -22.50 8.68 -0.91
C SER A 156 -22.37 7.37 -1.67
N GLY A 157 -21.23 6.70 -1.54
CA GLY A 157 -21.04 5.35 -2.07
C GLY A 157 -20.59 5.25 -3.53
N ASN A 158 -20.57 6.38 -4.23
CA ASN A 158 -20.21 6.40 -5.64
C ASN A 158 -18.90 7.15 -5.94
N SER A 159 -18.01 7.19 -4.95
CA SER A 159 -16.68 7.78 -5.13
C SER A 159 -15.57 6.93 -4.54
N GLN A 160 -14.37 7.08 -5.10
CA GLN A 160 -13.18 6.42 -4.58
C GLN A 160 -12.03 7.40 -4.56
N GLU A 161 -11.17 7.26 -3.56
CA GLU A 161 -9.99 8.10 -3.36
C GLU A 161 -8.71 7.31 -3.45
N SER A 162 -7.62 7.98 -3.84
CA SER A 162 -6.29 7.51 -3.46
C SER A 162 -5.37 8.69 -3.18
N VAL A 163 -4.30 8.38 -2.46
CA VAL A 163 -3.41 9.36 -1.87
C VAL A 163 -1.97 8.97 -2.19
N THR A 164 -1.16 9.96 -2.56
CA THR A 164 0.26 9.73 -2.72
C THR A 164 0.94 9.60 -1.35
N GLU A 165 2.11 8.95 -1.35
CA GLU A 165 3.02 8.99 -0.21
C GLU A 165 3.66 10.37 -0.12
N GLN A 166 4.23 10.70 1.03
CA GLN A 166 4.87 12.01 1.23
C GLN A 166 5.84 12.39 0.11
N ASP A 167 5.66 13.58 -0.45
CA ASP A 167 6.54 14.06 -1.51
C ASP A 167 7.98 14.15 -0.99
N SER A 168 8.93 13.68 -1.81
CA SER A 168 10.32 13.59 -1.40
C SER A 168 10.96 14.97 -1.19
N LYS A 169 10.40 16.00 -1.83
CA LYS A 169 10.95 17.35 -1.77
C LYS A 169 10.28 18.23 -0.73
N ASP A 170 8.95 18.19 -0.65
CA ASP A 170 8.22 19.08 0.26
C ASP A 170 7.40 18.38 1.38
N SER A 171 7.49 17.05 1.46
CA SER A 171 6.81 16.27 2.51
C SER A 171 5.27 16.41 2.57
N THR A 172 4.67 16.89 1.49
CA THR A 172 3.20 16.98 1.40
C THR A 172 2.57 15.73 0.79
N TYR A 173 1.23 15.68 0.84
CA TYR A 173 0.45 14.62 0.20
C TYR A 173 -0.42 15.24 -0.89
N SER A 174 -0.79 14.42 -1.86
CA SER A 174 -1.85 14.79 -2.79
C SER A 174 -2.89 13.66 -2.81
N LEU A 175 -4.10 14.03 -3.18
CA LEU A 175 -5.23 13.11 -3.14
C LEU A 175 -6.13 13.38 -4.34
N SER A 176 -6.60 12.30 -4.97
CA SER A 176 -7.64 12.45 -5.98
C SER A 176 -8.87 11.64 -5.57
N SER A 177 -10.02 12.24 -5.78
CA SER A 177 -11.30 11.58 -5.56
C SER A 177 -12.02 11.55 -6.90
N THR A 178 -12.62 10.40 -7.22
CA THR A 178 -13.32 10.24 -8.48
C THR A 178 -14.77 9.82 -8.23
N LEU A 179 -15.68 10.63 -8.73
CA LEU A 179 -17.12 10.35 -8.67
C LEU A 179 -17.54 9.69 -9.99
N THR A 180 -18.14 8.51 -9.89
CA THR A 180 -18.55 7.75 -11.07
C THR A 180 -20.06 7.74 -11.20
N LEU A 181 -20.56 8.25 -12.34
CA LEU A 181 -21.98 8.24 -12.68
C LEU A 181 -22.20 7.61 -14.05
N SER A 182 -23.38 7.03 -14.24
CA SER A 182 -23.84 6.65 -15.57
C SER A 182 -24.00 7.93 -16.37
N LYS A 183 -23.91 7.83 -17.70
CA LYS A 183 -24.14 8.97 -18.58
C LYS A 183 -25.54 9.57 -18.34
N ALA A 184 -26.55 8.70 -18.18
CA ALA A 184 -27.93 9.17 -17.94
C ALA A 184 -28.05 10.01 -16.67
N ASP A 185 -27.48 9.51 -15.57
CA ASP A 185 -27.49 10.25 -14.30
C ASP A 185 -26.71 11.55 -14.41
N TYR A 186 -25.56 11.49 -15.08
CA TYR A 186 -24.74 12.68 -15.28
C TYR A 186 -25.52 13.78 -15.99
N GLU A 187 -26.24 13.38 -17.05
CA GLU A 187 -27.00 14.34 -17.86
C GLU A 187 -28.31 14.82 -17.23
N LYS A 188 -28.69 14.22 -16.10
CA LYS A 188 -29.88 14.65 -15.33
C LYS A 188 -29.58 15.82 -14.38
N HIS A 189 -28.31 16.22 -14.31
CA HIS A 189 -27.89 17.22 -13.31
C HIS A 189 -26.97 18.30 -13.88
N LYS A 190 -26.98 19.48 -13.26
CA LYS A 190 -26.20 20.62 -13.74
C LYS A 190 -24.90 20.89 -12.99
N VAL A 191 -24.99 21.08 -11.68
CA VAL A 191 -23.84 21.55 -10.89
C VAL A 191 -23.11 20.40 -10.18
N TYR A 192 -21.82 20.30 -10.49
CA TYR A 192 -20.96 19.28 -9.88
C TYR A 192 -19.92 19.98 -9.04
N ALA A 193 -19.88 19.62 -7.76
CA ALA A 193 -19.03 20.31 -6.80
C ALA A 193 -18.27 19.34 -5.91
N CYS A 194 -17.03 19.71 -5.65
CA CYS A 194 -16.15 19.00 -4.73
C CYS A 194 -15.91 19.95 -3.56
N GLU A 195 -16.33 19.54 -2.36
CA GLU A 195 -16.16 20.35 -1.15
C GLU A 195 -15.11 19.71 -0.23
N VAL A 196 -14.08 20.49 0.10
CA VAL A 196 -12.90 19.99 0.80
C VAL A 196 -12.75 20.60 2.19
N THR A 197 -12.63 19.72 3.18
CA THR A 197 -12.37 20.10 4.56
C THR A 197 -10.95 19.66 4.92
N HIS A 198 -10.19 20.56 5.56
CA HIS A 198 -8.80 20.30 5.93
C HIS A 198 -8.34 21.26 7.03
N GLN A 199 -7.43 20.79 7.88
CA GLN A 199 -6.86 21.60 8.98
C GLN A 199 -6.34 22.99 8.52
N GLY A 200 -5.76 23.05 7.33
CA GLY A 200 -5.24 24.30 6.77
C GLY A 200 -6.28 25.29 6.27
N LEU A 201 -7.54 24.86 6.19
CA LEU A 201 -8.64 25.67 5.68
C LEU A 201 -9.54 26.12 6.82
N SER A 202 -9.78 27.43 6.93
CA SER A 202 -10.64 27.97 8.01
C SER A 202 -12.14 27.66 7.83
N SER A 203 -12.52 27.36 6.59
CA SER A 203 -13.84 26.83 6.27
C SER A 203 -13.71 26.04 4.97
N PRO A 204 -14.65 25.10 4.72
CA PRO A 204 -14.52 24.20 3.56
C PRO A 204 -14.43 24.95 2.23
N VAL A 205 -13.53 24.50 1.36
CA VAL A 205 -13.36 25.07 0.01
C VAL A 205 -14.17 24.24 -1.00
N THR A 206 -14.97 24.93 -1.82
CA THR A 206 -15.76 24.27 -2.87
C THR A 206 -15.30 24.66 -4.27
N LYS A 207 -15.00 23.66 -5.11
CA LYS A 207 -14.76 23.88 -6.52
C LYS A 207 -15.84 23.18 -7.32
N SER A 208 -16.37 23.87 -8.33
CA SER A 208 -17.55 23.40 -9.04
C SER A 208 -17.46 23.72 -10.53
N PHE A 209 -18.19 22.96 -11.34
CA PHE A 209 -18.49 23.37 -12.71
C PHE A 209 -19.96 23.13 -13.04
N ASN A 210 -20.44 23.78 -14.10
CA ASN A 210 -21.74 23.44 -14.69
C ASN A 210 -21.60 22.57 -15.93
N ARG A 211 -22.28 21.43 -15.92
CA ARG A 211 -22.29 20.52 -17.05
C ARG A 211 -22.53 21.27 -18.35
N GLY A 212 -21.55 21.25 -19.24
CA GLY A 212 -21.69 21.84 -20.56
C GLY A 212 -21.02 23.20 -20.67
N GLU A 213 -20.42 23.64 -19.58
CA GLU A 213 -19.75 24.95 -19.55
C GLU A 213 -18.23 24.78 -19.67
N GLU B 1 26.18 -17.12 3.10
CA GLU B 1 25.23 -16.28 3.90
C GLU B 1 23.80 -16.62 3.52
N VAL B 2 22.88 -16.43 4.46
CA VAL B 2 21.46 -16.76 4.25
C VAL B 2 20.87 -15.95 3.09
N GLN B 3 20.33 -16.67 2.11
CA GLN B 3 19.63 -16.06 0.98
C GLN B 3 18.30 -16.80 0.80
N LEU B 4 17.19 -16.06 0.79
CA LEU B 4 15.86 -16.62 0.57
C LEU B 4 15.20 -15.96 -0.62
N VAL B 5 14.73 -16.78 -1.57
CA VAL B 5 14.08 -16.23 -2.77
C VAL B 5 12.75 -16.95 -3.08
N GLU B 6 11.64 -16.20 -3.00
CA GLU B 6 10.32 -16.76 -3.34
C GLU B 6 10.05 -16.71 -4.84
N SER B 7 9.28 -17.68 -5.32
CA SER B 7 8.77 -17.65 -6.69
C SER B 7 7.40 -18.31 -6.75
N GLY B 8 6.70 -18.11 -7.87
CA GLY B 8 5.42 -18.78 -8.12
C GLY B 8 4.20 -17.88 -8.00
N GLY B 9 4.40 -16.66 -7.52
CA GLY B 9 3.30 -15.70 -7.37
C GLY B 9 2.73 -15.24 -8.70
N GLY B 10 1.61 -14.53 -8.62
CA GLY B 10 0.98 -14.01 -9.83
C GLY B 10 -0.53 -13.92 -9.70
N LEU B 11 -1.20 -13.88 -10.85
CA LEU B 11 -2.64 -13.79 -10.89
C LEU B 11 -3.27 -15.16 -10.76
N VAL B 12 -4.37 -15.23 -10.01
CA VAL B 12 -5.18 -16.46 -9.92
C VAL B 12 -6.67 -16.11 -9.78
N GLN B 13 -7.54 -16.92 -10.37
CA GLN B 13 -8.98 -16.68 -10.26
C GLN B 13 -9.53 -17.19 -8.91
N PRO B 14 -10.66 -16.61 -8.43
CA PRO B 14 -11.32 -17.21 -7.26
C PRO B 14 -11.59 -18.69 -7.53
N GLY B 15 -11.34 -19.52 -6.53
CA GLY B 15 -11.51 -20.96 -6.68
C GLY B 15 -10.32 -21.66 -7.30
N GLY B 16 -9.28 -20.88 -7.62
CA GLY B 16 -8.05 -21.41 -8.18
C GLY B 16 -7.09 -21.85 -7.10
N SER B 17 -5.89 -22.26 -7.51
CA SER B 17 -4.85 -22.70 -6.59
C SER B 17 -3.48 -22.40 -7.18
N LEU B 18 -2.45 -22.43 -6.34
CA LEU B 18 -1.14 -21.98 -6.71
C LEU B 18 -0.14 -22.67 -5.78
N ARG B 19 1.03 -23.01 -6.30
CA ARG B 19 2.13 -23.46 -5.45
C ARG B 19 3.27 -22.44 -5.49
N LEU B 20 3.62 -21.90 -4.32
CA LEU B 20 4.76 -20.99 -4.18
C LEU B 20 5.99 -21.78 -3.77
N SER B 21 7.16 -21.30 -4.22
CA SER B 21 8.45 -21.91 -3.90
C SER B 21 9.34 -20.91 -3.17
N CYS B 22 10.18 -21.41 -2.26
CA CYS B 22 11.18 -20.59 -1.61
C CYS B 22 12.50 -21.33 -1.60
N ALA B 23 13.46 -20.82 -2.37
CA ALA B 23 14.80 -21.39 -2.46
C ALA B 23 15.67 -20.76 -1.37
N ALA B 24 16.12 -21.61 -0.45
CA ALA B 24 16.91 -21.15 0.68
C ALA B 24 18.35 -21.62 0.50
N SER B 25 19.27 -20.67 0.38
CA SER B 25 20.68 -21.02 0.17
C SER B 25 21.62 -20.32 1.17
N GLY B 26 22.87 -20.80 1.22
CA GLY B 26 23.93 -20.10 1.95
C GLY B 26 24.09 -20.42 3.43
N TYR B 27 23.43 -21.48 3.88
CA TYR B 27 23.47 -21.94 5.28
C TYR B 27 22.92 -23.36 5.31
N SER B 28 22.99 -24.03 6.46
CA SER B 28 22.50 -25.40 6.61
CA SER B 28 22.49 -25.39 6.59
C SER B 28 20.97 -25.43 6.68
N PHE B 29 20.33 -25.79 5.57
CA PHE B 29 18.87 -25.80 5.42
C PHE B 29 18.11 -26.60 6.48
N THR B 30 18.66 -27.75 6.87
CA THR B 30 17.99 -28.65 7.81
C THR B 30 18.16 -28.22 9.28
N GLY B 31 18.86 -27.10 9.49
CA GLY B 31 19.14 -26.62 10.83
C GLY B 31 18.13 -25.67 11.46
N HIS B 32 17.24 -25.08 10.64
CA HIS B 32 16.27 -24.09 11.13
C HIS B 32 14.88 -24.33 10.56
N TRP B 33 13.87 -24.07 11.39
CA TRP B 33 12.49 -24.03 10.94
C TRP B 33 12.33 -22.96 9.85
N MET B 34 11.49 -23.25 8.87
CA MET B 34 11.12 -22.28 7.85
C MET B 34 9.66 -21.90 7.97
N ASN B 35 9.34 -20.66 7.61
CA ASN B 35 8.00 -20.11 7.80
C ASN B 35 7.44 -19.47 6.54
N TRP B 36 6.11 -19.45 6.43
CA TRP B 36 5.41 -18.57 5.49
C TRP B 36 4.65 -17.49 6.27
N VAL B 37 4.81 -16.23 5.85
CA VAL B 37 4.13 -15.09 6.44
C VAL B 37 3.55 -14.26 5.29
N ARG B 38 2.30 -13.84 5.42
CA ARG B 38 1.60 -13.14 4.35
C ARG B 38 1.10 -11.78 4.81
N GLN B 39 1.09 -10.81 3.90
CA GLN B 39 0.77 -9.43 4.25
C GLN B 39 -0.07 -8.77 3.16
N ALA B 40 -1.36 -8.63 3.42
CA ALA B 40 -2.28 -8.00 2.48
C ALA B 40 -1.90 -6.54 2.24
N PRO B 41 -2.14 -6.06 1.02
CA PRO B 41 -1.81 -4.68 0.65
C PRO B 41 -2.42 -3.68 1.63
N GLY B 42 -1.57 -2.86 2.25
CA GLY B 42 -2.03 -1.86 3.19
C GLY B 42 -1.96 -2.32 4.63
N LYS B 43 -1.83 -3.63 4.82
CA LYS B 43 -2.12 -4.25 6.10
C LYS B 43 -0.86 -4.79 6.76
N GLY B 44 -1.03 -5.39 7.93
CA GLY B 44 0.08 -6.00 8.64
C GLY B 44 0.20 -7.49 8.36
N LEU B 45 0.90 -8.20 9.24
CA LEU B 45 1.44 -9.51 8.90
C LEU B 45 0.57 -10.63 9.47
N GLU B 46 0.46 -11.73 8.74
CA GLU B 46 -0.23 -12.92 9.22
C GLU B 46 0.68 -14.13 9.05
N TRP B 47 0.89 -14.88 10.13
CA TRP B 47 1.71 -16.08 10.07
C TRP B 47 0.89 -17.27 9.55
N VAL B 48 1.38 -17.89 8.48
CA VAL B 48 0.68 -19.03 7.86
C VAL B 48 1.00 -20.35 8.58
N GLY B 49 2.29 -20.63 8.73
CA GLY B 49 2.74 -21.86 9.37
C GLY B 49 4.21 -22.09 9.17
N MET B 50 4.70 -23.22 9.71
CA MET B 50 6.12 -23.52 9.69
C MET B 50 6.37 -25.00 9.44
N ILE B 51 7.60 -25.29 9.02
CA ILE B 51 8.04 -26.65 8.74
C ILE B 51 9.53 -26.79 9.07
N HIS B 52 9.90 -27.95 9.61
CA HIS B 52 11.30 -28.24 9.85
C HIS B 52 11.82 -29.10 8.71
N PRO B 53 12.76 -28.58 7.91
CA PRO B 53 13.25 -29.31 6.74
C PRO B 53 13.86 -30.69 7.00
N SER B 54 14.38 -30.91 8.21
CA SER B 54 15.00 -32.19 8.56
C SER B 54 14.06 -33.40 8.40
N ASP B 55 12.83 -33.27 8.90
CA ASP B 55 11.88 -34.39 8.92
C ASP B 55 10.46 -33.98 8.48
N SER B 56 10.33 -32.76 7.98
CA SER B 56 9.06 -32.20 7.50
C SER B 56 7.95 -32.07 8.56
N GLU B 57 8.32 -32.01 9.84
CA GLU B 57 7.36 -31.70 10.89
C GLU B 57 6.78 -30.30 10.65
N THR B 58 5.45 -30.18 10.76
CA THR B 58 4.76 -28.93 10.51
C THR B 58 3.97 -28.42 11.71
N ARG B 59 3.74 -27.11 11.73
CA ARG B 59 2.76 -26.50 12.62
C ARG B 59 2.08 -25.36 11.88
N TYR B 60 0.75 -25.41 11.89
CA TYR B 60 -0.03 -24.44 11.13
C TYR B 60 -0.73 -23.46 12.06
N ASN B 61 -0.94 -22.25 11.57
CA ASN B 61 -1.96 -21.38 12.10
C ASN B 61 -3.31 -21.99 11.72
N GLN B 62 -4.14 -22.26 12.73
CA GLN B 62 -5.44 -22.92 12.57
C GLN B 62 -6.26 -22.39 11.38
N LYS B 63 -6.26 -21.08 11.20
CA LYS B 63 -7.01 -20.38 10.14
C LYS B 63 -6.63 -20.82 8.72
N PHE B 64 -5.43 -21.37 8.58
CA PHE B 64 -4.88 -21.73 7.28
C PHE B 64 -4.84 -23.24 7.04
N LYS B 65 -5.19 -24.03 8.06
CA LYS B 65 -5.04 -25.48 8.02
C LYS B 65 -5.86 -26.17 6.92
N ASP B 66 -7.08 -25.69 6.68
CA ASP B 66 -7.96 -26.27 5.67
C ASP B 66 -7.41 -26.14 4.26
N ARG B 67 -6.89 -24.96 3.92
CA ARG B 67 -6.62 -24.63 2.51
C ARG B 67 -5.16 -24.53 2.12
N PHE B 68 -4.26 -24.54 3.10
CA PHE B 68 -2.84 -24.29 2.85
C PHE B 68 -2.02 -25.49 3.31
N THR B 69 -1.15 -25.96 2.44
CA THR B 69 -0.23 -27.07 2.75
C THR B 69 1.22 -26.64 2.58
N ILE B 70 2.01 -26.81 3.64
CA ILE B 70 3.44 -26.48 3.62
C ILE B 70 4.23 -27.78 3.47
N SER B 71 5.19 -27.78 2.56
CA SER B 71 6.05 -28.92 2.37
C SER B 71 7.47 -28.46 2.08
N VAL B 72 8.38 -29.43 2.01
CA VAL B 72 9.78 -29.16 1.83
C VAL B 72 10.43 -30.28 1.01
N ASP B 73 11.43 -29.92 0.22
CA ASP B 73 12.32 -30.90 -0.40
C ASP B 73 13.72 -30.53 0.05
N LYS B 74 14.17 -31.19 1.12
CA LYS B 74 15.45 -30.83 1.73
C LYS B 74 16.63 -31.07 0.79
N SER B 75 16.46 -31.97 -0.18
CA SER B 75 17.51 -32.26 -1.17
C SER B 75 17.73 -31.09 -2.12
N LYS B 76 16.70 -30.26 -2.28
CA LYS B 76 16.74 -29.07 -3.15
C LYS B 76 16.84 -27.75 -2.36
N ASN B 77 16.96 -27.82 -1.04
CA ASN B 77 16.94 -26.63 -0.18
C ASN B 77 15.74 -25.72 -0.50
N THR B 78 14.58 -26.35 -0.74
CA THR B 78 13.39 -25.63 -1.17
C THR B 78 12.17 -25.90 -0.24
N LEU B 79 11.44 -24.82 0.06
CA LEU B 79 10.21 -24.85 0.85
C LEU B 79 9.06 -24.51 -0.10
N TYR B 80 7.89 -25.12 0.13
CA TYR B 80 6.71 -24.87 -0.71
C TYR B 80 5.48 -24.46 0.10
N LEU B 81 4.61 -23.66 -0.53
CA LEU B 81 3.27 -23.39 0.00
C LEU B 81 2.23 -23.66 -1.09
N GLN B 82 1.45 -24.72 -0.89
CA GLN B 82 0.30 -25.01 -1.74
C GLN B 82 -0.92 -24.30 -1.17
N MET B 83 -1.51 -23.40 -1.95
CA MET B 83 -2.66 -22.62 -1.50
C MET B 83 -3.86 -23.01 -2.38
N ASN B 84 -4.93 -23.48 -1.75
CA ASN B 84 -6.09 -24.04 -2.48
C ASN B 84 -7.37 -23.21 -2.33
N SER B 85 -8.28 -23.39 -3.29
CA SER B 85 -9.61 -22.78 -3.24
C SER B 85 -9.51 -21.29 -2.87
N LEU B 86 -8.74 -20.57 -3.66
CA LEU B 86 -8.37 -19.20 -3.30
C LEU B 86 -9.53 -18.20 -3.36
N ARG B 87 -9.40 -17.13 -2.58
CA ARG B 87 -10.45 -16.12 -2.47
C ARG B 87 -9.82 -14.74 -2.33
N ALA B 88 -10.63 -13.71 -2.49
CA ALA B 88 -10.14 -12.33 -2.52
C ALA B 88 -9.25 -11.97 -1.34
N GLU B 89 -9.56 -12.50 -0.16
CA GLU B 89 -8.78 -12.20 1.06
C GLU B 89 -7.37 -12.81 1.04
N ASP B 90 -7.12 -13.72 0.10
CA ASP B 90 -5.79 -14.32 -0.05
C ASP B 90 -4.81 -13.44 -0.83
N THR B 91 -5.31 -12.35 -1.39
CA THR B 91 -4.46 -11.39 -2.11
C THR B 91 -3.49 -10.76 -1.12
N ALA B 92 -2.20 -10.96 -1.36
CA ALA B 92 -1.16 -10.58 -0.40
C ALA B 92 0.22 -10.82 -1.01
N VAL B 93 1.24 -10.17 -0.44
CA VAL B 93 2.61 -10.57 -0.65
C VAL B 93 2.89 -11.71 0.32
N TYR B 94 3.41 -12.81 -0.22
CA TYR B 94 3.77 -13.99 0.58
C TYR B 94 5.29 -14.05 0.75
N TYR B 95 5.72 -14.04 2.02
CA TYR B 95 7.12 -14.14 2.38
C TYR B 95 7.47 -15.52 2.91
N CYS B 96 8.61 -16.06 2.49
CA CYS B 96 9.22 -17.10 3.29
C CYS B 96 10.23 -16.45 4.23
N ALA B 97 10.35 -17.03 5.42
CA ALA B 97 11.19 -16.45 6.47
C ALA B 97 11.74 -17.56 7.34
N ARG B 98 13.02 -17.43 7.65
CA ARG B 98 13.68 -18.36 8.56
C ARG B 98 13.29 -18.04 9.99
N GLY B 99 12.91 -19.08 10.73
CA GLY B 99 12.55 -18.94 12.12
C GLY B 99 13.72 -19.15 13.06
N ILE B 100 13.79 -18.33 14.10
CA ILE B 100 14.53 -18.67 15.31
C ILE B 100 13.51 -19.17 16.33
N TYR B 101 13.56 -20.46 16.61
CA TYR B 101 12.63 -21.10 17.54
C TYR B 101 13.49 -21.57 18.70
N PHE B 102 13.57 -20.74 19.74
CA PHE B 102 14.62 -20.87 20.77
C PHE B 102 14.27 -20.11 22.05
N TYR B 103 13.98 -18.81 21.90
CA TYR B 103 13.48 -17.99 22.99
C TYR B 103 11.95 -17.97 22.88
N GLY B 104 11.29 -18.75 23.74
CA GLY B 104 9.85 -18.93 23.66
C GLY B 104 9.49 -19.69 22.39
N THR B 105 8.69 -19.07 21.52
CA THR B 105 8.36 -19.70 20.25
C THR B 105 9.25 -19.12 19.15
N THR B 106 8.66 -18.55 18.08
CA THR B 106 9.44 -18.18 16.89
C THR B 106 9.39 -16.69 16.53
N TYR B 107 10.56 -16.13 16.20
CA TYR B 107 10.66 -14.87 15.47
C TYR B 107 11.48 -15.08 14.20
N PHE B 108 11.48 -14.08 13.32
CA PHE B 108 11.99 -14.27 11.95
C PHE B 108 13.21 -13.43 11.70
N ASP B 109 14.36 -14.09 11.50
CA ASP B 109 15.63 -13.37 11.35
C ASP B 109 16.04 -13.05 9.91
N TYR B 110 15.60 -13.88 8.96
CA TYR B 110 15.84 -13.63 7.54
C TYR B 110 14.55 -13.79 6.75
N TRP B 111 14.36 -12.92 5.77
CA TRP B 111 13.15 -12.91 4.95
C TRP B 111 13.50 -12.92 3.46
N GLY B 112 12.63 -13.52 2.66
CA GLY B 112 12.72 -13.35 1.21
C GLY B 112 12.17 -12.00 0.78
N GLN B 113 12.29 -11.72 -0.51
CA GLN B 113 11.80 -10.47 -1.09
C GLN B 113 10.27 -10.40 -1.15
N GLY B 114 9.63 -11.56 -1.08
CA GLY B 114 8.19 -11.67 -1.18
C GLY B 114 7.75 -11.94 -2.61
N THR B 115 6.65 -12.68 -2.75
CA THR B 115 6.01 -12.84 -4.05
C THR B 115 4.52 -12.48 -3.95
N LEU B 116 4.04 -11.67 -4.89
CA LEU B 116 2.67 -11.18 -4.84
C LEU B 116 1.71 -12.18 -5.47
N VAL B 117 0.61 -12.43 -4.76
CA VAL B 117 -0.50 -13.24 -5.25
C VAL B 117 -1.74 -12.35 -5.31
N THR B 118 -2.36 -12.27 -6.48
CA THR B 118 -3.52 -11.41 -6.69
C THR B 118 -4.71 -12.26 -7.15
N VAL B 119 -5.77 -12.29 -6.34
CA VAL B 119 -6.94 -13.10 -6.68
C VAL B 119 -8.00 -12.23 -7.34
N SER B 120 -8.35 -12.57 -8.58
CA SER B 120 -9.26 -11.74 -9.36
C SER B 120 -10.06 -12.52 -10.41
N SER B 121 -11.29 -12.07 -10.64
CA SER B 121 -12.12 -12.64 -11.71
C SER B 121 -12.15 -11.73 -12.96
N ALA B 122 -11.36 -10.65 -12.96
CA ALA B 122 -11.31 -9.74 -14.10
C ALA B 122 -10.55 -10.37 -15.27
N SER B 123 -10.61 -9.72 -16.42
CA SER B 123 -9.93 -10.17 -17.63
C SER B 123 -8.91 -9.12 -18.07
N THR B 124 -7.76 -9.59 -18.56
CA THR B 124 -6.72 -8.72 -19.12
C THR B 124 -7.32 -7.71 -20.10
N LYS B 125 -6.98 -6.43 -19.92
CA LYS B 125 -7.56 -5.34 -20.72
C LYS B 125 -6.71 -4.09 -20.60
N GLY B 126 -6.35 -3.50 -21.74
CA GLY B 126 -5.64 -2.22 -21.79
C GLY B 126 -6.57 -1.05 -21.49
N PRO B 127 -6.02 0.04 -20.93
CA PRO B 127 -6.86 1.16 -20.49
C PRO B 127 -7.41 2.03 -21.61
N SER B 128 -8.50 2.75 -21.28
CA SER B 128 -8.88 3.93 -22.04
C SER B 128 -8.31 5.13 -21.31
N VAL B 129 -7.78 6.09 -22.08
CA VAL B 129 -7.17 7.27 -21.47
C VAL B 129 -7.98 8.51 -21.83
N PHE B 130 -8.38 9.26 -20.81
CA PHE B 130 -9.16 10.48 -21.00
C PHE B 130 -8.46 11.69 -20.40
N PRO B 131 -8.59 12.83 -21.07
CA PRO B 131 -7.99 14.08 -20.59
C PRO B 131 -8.68 14.57 -19.32
N LEU B 132 -7.89 15.06 -18.36
CA LEU B 132 -8.38 15.97 -17.35
C LEU B 132 -8.01 17.42 -17.68
N ALA B 133 -8.91 18.12 -18.36
CA ALA B 133 -8.58 19.37 -19.02
C ALA B 133 -8.45 20.50 -18.00
N PRO B 134 -7.45 21.36 -18.20
CA PRO B 134 -7.29 22.56 -17.38
C PRO B 134 -8.45 23.53 -17.56
N SER B 135 -8.94 24.09 -16.46
CA SER B 135 -10.18 24.87 -16.47
C SER B 135 -9.93 26.27 -17.01
N SER B 136 -10.92 26.82 -17.69
CA SER B 136 -10.76 28.07 -18.43
C SER B 136 -10.24 29.19 -17.52
N GLY B 142 -1.17 31.83 -9.84
CA GLY B 142 -1.30 31.69 -11.28
C GLY B 142 -0.98 30.28 -11.75
N THR B 143 -1.60 29.29 -11.11
CA THR B 143 -1.24 27.90 -11.32
C THR B 143 -2.45 27.06 -11.73
N ALA B 144 -2.30 26.29 -12.80
CA ALA B 144 -3.38 25.46 -13.31
C ALA B 144 -3.04 23.98 -13.17
N ALA B 145 -4.08 23.15 -13.10
CA ALA B 145 -3.89 21.70 -13.05
C ALA B 145 -4.47 21.02 -14.28
N LEU B 146 -3.70 20.11 -14.87
CA LEU B 146 -4.25 19.14 -15.82
C LEU B 146 -3.72 17.74 -15.52
N GLY B 147 -4.23 16.76 -16.25
CA GLY B 147 -3.87 15.37 -16.03
C GLY B 147 -4.51 14.43 -17.03
N CYS B 148 -4.29 13.14 -16.84
CA CYS B 148 -5.02 12.13 -17.60
C CYS B 148 -5.71 11.12 -16.68
N LEU B 149 -6.87 10.63 -17.09
CA LEU B 149 -7.53 9.53 -16.40
C LEU B 149 -7.31 8.21 -17.13
N VAL B 150 -6.63 7.27 -16.46
CA VAL B 150 -6.26 6.01 -17.08
C VAL B 150 -7.23 4.97 -16.55
N LYS B 151 -8.30 4.73 -17.31
CA LYS B 151 -9.44 3.99 -16.79
C LYS B 151 -9.59 2.59 -17.38
N ASP B 152 -10.00 1.66 -16.52
CA ASP B 152 -10.51 0.33 -16.92
C ASP B 152 -9.44 -0.58 -17.53
N TYR B 153 -8.42 -0.89 -16.74
CA TYR B 153 -7.35 -1.80 -17.16
C TYR B 153 -7.14 -2.90 -16.13
N PHE B 154 -6.56 -4.01 -16.58
CA PHE B 154 -6.20 -5.13 -15.73
C PHE B 154 -5.16 -5.99 -16.45
N PRO B 155 -4.16 -6.53 -15.72
CA PRO B 155 -3.85 -6.31 -14.31
C PRO B 155 -2.99 -5.07 -14.14
N GLU B 156 -2.58 -4.75 -12.92
CA GLU B 156 -1.55 -3.73 -12.71
C GLU B 156 -0.23 -4.22 -13.30
N PRO B 157 0.72 -3.31 -13.58
CA PRO B 157 0.64 -1.86 -13.49
C PRO B 157 0.51 -1.13 -14.82
N VAL B 158 0.24 0.18 -14.75
CA VAL B 158 0.46 1.06 -15.88
C VAL B 158 1.56 2.04 -15.48
N THR B 159 2.23 2.61 -16.48
CA THR B 159 3.17 3.70 -16.24
C THR B 159 2.65 4.96 -16.95
N VAL B 160 2.92 6.12 -16.37
CA VAL B 160 2.55 7.39 -16.97
C VAL B 160 3.74 8.36 -16.95
N SER B 161 4.06 8.92 -18.11
CA SER B 161 5.00 10.03 -18.20
C SER B 161 4.31 11.21 -18.86
N TRP B 162 4.95 12.38 -18.79
CA TRP B 162 4.42 13.59 -19.38
C TRP B 162 5.44 14.20 -20.33
N ASN B 163 4.96 14.50 -21.54
CA ASN B 163 5.77 15.06 -22.62
C ASN B 163 7.02 14.22 -22.90
N SER B 164 6.84 12.90 -22.91
CA SER B 164 7.91 11.90 -23.07
C SER B 164 9.03 12.04 -22.04
N GLY B 165 8.69 12.50 -20.84
CA GLY B 165 9.64 12.70 -19.77
C GLY B 165 10.22 14.11 -19.66
N ALA B 166 9.81 14.99 -20.58
CA ALA B 166 10.22 16.40 -20.53
C ALA B 166 9.62 17.14 -19.33
N LEU B 167 8.48 16.64 -18.84
CA LEU B 167 7.77 17.25 -17.73
C LEU B 167 7.75 16.30 -16.53
N THR B 168 8.43 16.68 -15.46
CA THR B 168 8.50 15.86 -14.23
C THR B 168 8.14 16.65 -12.97
N SER B 169 8.49 17.94 -12.94
CA SER B 169 8.19 18.78 -11.78
C SER B 169 6.68 18.96 -11.59
N GLY B 170 6.23 18.78 -10.35
CA GLY B 170 4.82 18.95 -10.01
C GLY B 170 3.88 17.83 -10.44
N VAL B 171 4.46 16.73 -10.95
CA VAL B 171 3.65 15.58 -11.36
C VAL B 171 3.28 14.75 -10.14
N HIS B 172 2.02 14.35 -10.05
CA HIS B 172 1.60 13.35 -9.08
C HIS B 172 0.82 12.26 -9.81
N THR B 173 1.36 11.05 -9.78
CA THR B 173 0.67 9.88 -10.32
C THR B 173 0.19 9.02 -9.16
N PHE B 174 -1.13 8.86 -9.06
CA PHE B 174 -1.76 8.31 -7.86
C PHE B 174 -1.74 6.79 -7.86
N PRO B 175 -1.79 6.18 -6.66
CA PRO B 175 -1.97 4.74 -6.62
C PRO B 175 -3.24 4.36 -7.36
N ALA B 176 -3.21 3.23 -8.06
CA ALA B 176 -4.39 2.73 -8.74
C ALA B 176 -5.48 2.38 -7.75
N VAL B 177 -6.72 2.60 -8.16
CA VAL B 177 -7.88 2.20 -7.39
C VAL B 177 -8.54 1.02 -8.08
N LEU B 178 -8.82 -0.03 -7.31
CA LEU B 178 -9.57 -1.18 -7.81
C LEU B 178 -11.06 -0.85 -7.79
N GLN B 179 -11.68 -0.80 -8.97
CA GLN B 179 -13.10 -0.46 -9.09
C GLN B 179 -13.96 -1.70 -8.82
N SER B 180 -15.27 -1.49 -8.65
CA SER B 180 -16.21 -2.58 -8.38
C SER B 180 -16.33 -3.59 -9.53
N SER B 181 -16.01 -3.14 -10.75
CA SER B 181 -15.93 -3.99 -11.94
C SER B 181 -14.75 -4.98 -11.91
N GLY B 182 -13.82 -4.77 -10.99
CA GLY B 182 -12.59 -5.56 -10.92
C GLY B 182 -11.48 -5.02 -11.81
N LEU B 183 -11.76 -3.94 -12.53
CA LEU B 183 -10.76 -3.24 -13.33
C LEU B 183 -10.16 -2.07 -12.53
N TYR B 184 -8.90 -1.74 -12.83
CA TYR B 184 -8.24 -0.60 -12.20
C TYR B 184 -8.45 0.71 -12.94
N SER B 185 -8.28 1.80 -12.20
CA SER B 185 -8.26 3.16 -12.74
C SER B 185 -7.19 3.92 -11.97
N LEU B 186 -6.53 4.84 -12.67
CA LEU B 186 -5.62 5.75 -11.99
C LEU B 186 -5.59 7.10 -12.69
N SER B 187 -5.27 8.12 -11.91
CA SER B 187 -5.09 9.46 -12.44
C SER B 187 -3.65 9.90 -12.27
N SER B 188 -3.18 10.64 -13.26
CA SER B 188 -1.90 11.32 -13.16
C SER B 188 -2.17 12.78 -13.44
N VAL B 189 -1.70 13.64 -12.55
CA VAL B 189 -1.92 15.09 -12.68
C VAL B 189 -0.59 15.85 -12.64
N VAL B 190 -0.66 17.10 -13.10
CA VAL B 190 0.49 18.01 -13.04
C VAL B 190 -0.01 19.43 -12.89
N THR B 191 0.66 20.21 -12.05
CA THR B 191 0.41 21.65 -11.96
C THR B 191 1.40 22.42 -12.83
N VAL B 192 0.90 23.40 -13.56
CA VAL B 192 1.75 24.22 -14.44
C VAL B 192 1.33 25.69 -14.39
N PRO B 193 2.18 26.55 -14.94
CA PRO B 193 1.84 27.97 -15.09
C PRO B 193 0.61 28.18 -15.97
N SER B 194 -0.37 28.92 -15.46
CA SER B 194 -1.57 29.24 -16.24
C SER B 194 -1.20 29.90 -17.56
N SER B 195 -0.13 30.68 -17.56
CA SER B 195 0.29 31.43 -18.74
C SER B 195 0.63 30.48 -19.89
N SER B 196 0.90 29.22 -19.55
CA SER B 196 1.53 28.30 -20.50
C SER B 196 0.48 27.63 -21.38
N LEU B 197 -0.77 27.70 -20.95
CA LEU B 197 -1.82 26.83 -21.48
C LEU B 197 -2.13 27.18 -22.94
N GLY B 198 -1.78 28.40 -23.35
CA GLY B 198 -1.97 28.83 -24.71
C GLY B 198 -0.91 28.28 -25.64
N THR B 199 0.27 28.01 -25.09
CA THR B 199 1.49 27.96 -25.89
C THR B 199 2.17 26.60 -25.79
N GLN B 200 2.06 25.99 -24.61
CA GLN B 200 2.78 24.74 -24.33
C GLN B 200 1.86 23.53 -24.48
N THR B 201 2.34 22.51 -25.19
CA THR B 201 1.57 21.29 -25.39
C THR B 201 1.79 20.30 -24.25
N TYR B 202 0.70 19.65 -23.83
CA TYR B 202 0.77 18.66 -22.76
C TYR B 202 0.20 17.32 -23.20
N ILE B 203 1.05 16.29 -23.16
CA ILE B 203 0.68 14.95 -23.59
C ILE B 203 1.07 13.95 -22.51
N CYS B 204 0.14 13.07 -22.14
CA CYS B 204 0.48 12.00 -21.22
C CYS B 204 0.78 10.73 -22.00
N ASN B 205 1.83 10.03 -21.59
CA ASN B 205 2.28 8.82 -22.27
C ASN B 205 2.03 7.64 -21.35
N VAL B 206 1.07 6.80 -21.74
CA VAL B 206 0.58 5.71 -20.91
C VAL B 206 1.01 4.35 -21.50
N ASN B 207 1.62 3.51 -20.67
CA ASN B 207 1.99 2.16 -21.07
C ASN B 207 1.36 1.14 -20.13
N HIS B 208 0.76 0.10 -20.72
CA HIS B 208 0.23 -1.04 -19.98
C HIS B 208 0.82 -2.31 -20.62
N LYS B 209 1.97 -2.73 -20.09
CA LYS B 209 2.72 -3.86 -20.65
C LYS B 209 1.98 -5.20 -20.67
N PRO B 210 1.21 -5.53 -19.60
CA PRO B 210 0.50 -6.82 -19.61
C PRO B 210 -0.44 -7.03 -20.81
N SER B 211 -0.93 -5.94 -21.39
CA SER B 211 -1.78 -6.02 -22.59
C SER B 211 -1.07 -5.51 -23.83
N ASN B 212 0.20 -5.13 -23.66
CA ASN B 212 0.97 -4.45 -24.72
C ASN B 212 0.21 -3.25 -25.31
N THR B 213 -0.38 -2.44 -24.43
CA THR B 213 -1.11 -1.23 -24.84
C THR B 213 -0.26 0.00 -24.56
N LYS B 214 -0.17 0.88 -25.55
CA LYS B 214 0.52 2.16 -25.41
C LYS B 214 -0.40 3.25 -25.93
N VAL B 215 -0.58 4.31 -25.14
CA VAL B 215 -1.46 5.40 -25.52
C VAL B 215 -0.84 6.76 -25.17
N ASP B 216 -0.77 7.63 -26.16
CA ASP B 216 -0.49 9.05 -25.90
C ASP B 216 -1.75 9.89 -26.05
N LYS B 217 -2.06 10.67 -25.02
CA LYS B 217 -3.23 11.54 -25.04
C LYS B 217 -2.83 13.01 -24.85
N LYS B 218 -3.20 13.84 -25.82
CA LYS B 218 -3.05 15.28 -25.68
C LYS B 218 -4.12 15.87 -24.76
N VAL B 219 -3.71 16.73 -23.85
CA VAL B 219 -4.63 17.34 -22.90
C VAL B 219 -4.80 18.83 -23.18
#